data_1KK1
#
_entry.id   1KK1
#
_cell.length_a   52.164
_cell.length_b   85.774
_cell.length_c   57.377
_cell.angle_alpha   90.00
_cell.angle_beta   109.28
_cell.angle_gamma   90.00
#
_symmetry.space_group_name_H-M   'P 1 21 1'
#
loop_
_entity.id
_entity.type
_entity.pdbx_description
1 polymer eIF2gamma
2 non-polymer 'ZINC ION'
3 non-polymer 'MAGNESIUM ION'
4 non-polymer 'PHOSPHOAMINOPHOSPHONIC ACID-GUANYLATE ESTER'
5 water water
#
_entity_poly.entity_id   1
_entity_poly.type   'polypeptide(L)'
_entity_poly.pdbx_seq_one_letter_code
;GEKRKSRQAEVNIGMVGHVDHGKTTLTKALTGVWTDTHSEELRRGITIKIGFADAEIRRCPNCGRYSTSPVCPYCGHETE
FVRRVSFIDAPGHEALMTTMLAGASLMDGAILVIAANEPCPRPQTREHLMALQIIGQKNIIIAQNKIELVDKEKALENYR
QIKEFIEGTVAENAPIIPISALHGANIDVLVKAIEDFIPTPKRDPNKPPKMLVLRSFDVNKPGTPPEKLVGGVLDGSIVQ
GKLKVGDEIEIRPGVPYEEHGRIKYEPITTEIVSLQAGGQFVEEAYPGGLVGVGTKLDPYLTKGDLMAGNVVGKPGKLPP
VWDSLRLEVHLLERVVGTEQELKVEPIKRKEVLLLNVGTARTMGLVTGLGKDEIEVKLQIPVCAEPGDRVAISRQIGSRW
RLIGYGIIKE
;
_entity_poly.pdbx_strand_id   A
#
# COMPACT_ATOMS: atom_id res chain seq x y z
N SER A 6 3.79 0.89 21.66
CA SER A 6 4.03 -0.35 20.85
C SER A 6 2.70 -1.01 20.48
N ARG A 7 1.64 -0.20 20.40
CA ARG A 7 0.34 -0.72 20.03
C ARG A 7 -0.12 -0.18 18.67
N GLN A 8 0.79 0.42 17.92
CA GLN A 8 0.44 0.93 16.61
C GLN A 8 0.20 -0.28 15.71
N ALA A 9 -0.26 -0.05 14.48
CA ALA A 9 -0.49 -1.14 13.55
C ALA A 9 0.83 -1.88 13.33
N GLU A 10 0.78 -3.20 13.26
CA GLU A 10 1.97 -4.02 13.08
C GLU A 10 2.12 -4.56 11.66
N VAL A 11 1.02 -4.58 10.92
CA VAL A 11 1.03 -5.06 9.54
C VAL A 11 0.02 -4.33 8.68
N ASN A 12 0.33 -4.21 7.39
CA ASN A 12 -0.58 -3.59 6.43
C ASN A 12 -1.18 -4.72 5.60
N ILE A 13 -2.50 -4.75 5.52
CA ILE A 13 -3.21 -5.79 4.79
C ILE A 13 -3.93 -5.18 3.61
N GLY A 14 -3.53 -5.58 2.41
CA GLY A 14 -4.15 -5.05 1.22
C GLY A 14 -5.52 -5.65 0.96
N MET A 15 -6.48 -4.81 0.60
CA MET A 15 -7.82 -5.31 0.31
C MET A 15 -7.96 -5.37 -1.21
N VAL A 16 -8.07 -6.58 -1.74
CA VAL A 16 -8.19 -6.73 -3.20
C VAL A 16 -9.43 -7.53 -3.60
N GLY A 17 -9.69 -7.55 -4.90
CA GLY A 17 -10.86 -8.25 -5.40
C GLY A 17 -11.57 -7.40 -6.43
N HIS A 18 -12.33 -8.06 -7.30
CA HIS A 18 -13.08 -7.41 -8.37
C HIS A 18 -14.02 -6.32 -7.86
N VAL A 19 -14.30 -5.33 -8.72
CA VAL A 19 -15.17 -4.23 -8.36
C VAL A 19 -16.51 -4.68 -7.77
N ASP A 20 -16.90 -4.03 -6.68
CA ASP A 20 -18.14 -4.29 -5.96
C ASP A 20 -18.31 -5.67 -5.31
N HIS A 21 -17.22 -6.42 -5.17
CA HIS A 21 -17.32 -7.72 -4.54
C HIS A 21 -17.35 -7.58 -3.02
N GLY A 22 -17.11 -6.36 -2.52
CA GLY A 22 -17.21 -6.13 -1.09
C GLY A 22 -16.02 -5.66 -0.28
N LYS A 23 -14.95 -5.26 -0.95
CA LYS A 23 -13.72 -4.79 -0.27
C LYS A 23 -13.97 -3.70 0.79
N THR A 24 -14.66 -2.64 0.40
CA THR A 24 -14.94 -1.53 1.32
C THR A 24 -15.90 -1.93 2.45
N THR A 25 -16.92 -2.70 2.11
CA THR A 25 -17.88 -3.14 3.10
C THR A 25 -17.18 -4.02 4.13
N LEU A 26 -16.26 -4.85 3.66
CA LEU A 26 -15.55 -5.73 4.58
C LEU A 26 -14.59 -4.91 5.45
N THR A 27 -13.95 -3.92 4.85
CA THR A 27 -13.05 -3.08 5.62
C THR A 27 -13.83 -2.44 6.77
N LYS A 28 -14.99 -1.88 6.44
CA LYS A 28 -15.83 -1.24 7.46
C LYS A 28 -16.30 -2.21 8.54
N ALA A 29 -16.58 -3.45 8.16
CA ALA A 29 -17.02 -4.45 9.12
C ALA A 29 -15.90 -4.76 10.10
N LEU A 30 -14.65 -4.66 9.65
CA LEU A 30 -13.50 -4.93 10.49
C LEU A 30 -13.06 -3.73 11.33
N THR A 31 -13.20 -2.53 10.79
CA THR A 31 -12.79 -1.32 11.52
C THR A 31 -13.91 -0.76 12.40
N GLY A 32 -15.15 -1.21 12.18
CA GLY A 32 -16.26 -0.73 12.97
C GLY A 32 -16.81 0.62 12.55
N VAL A 33 -16.36 1.11 11.39
CA VAL A 33 -16.81 2.38 10.87
C VAL A 33 -18.11 2.26 10.08
N TRP A 34 -19.16 2.92 10.55
CA TRP A 34 -20.45 2.89 9.88
C TRP A 34 -20.96 4.30 9.58
N THR A 35 -20.16 5.30 9.92
CA THR A 35 -20.53 6.70 9.70
C THR A 35 -19.48 7.42 8.85
N ASP A 36 -19.35 8.73 9.06
CA ASP A 36 -18.39 9.55 8.33
C ASP A 36 -18.71 9.60 6.85
N SER A 39 -13.84 14.05 4.80
CA SER A 39 -13.81 12.84 5.62
C SER A 39 -12.38 12.41 5.90
N GLU A 40 -12.19 11.11 6.09
CA GLU A 40 -10.86 10.56 6.35
C GLU A 40 -10.12 10.41 5.02
N GLU A 41 -10.83 10.65 3.93
CA GLU A 41 -10.26 10.55 2.59
C GLU A 41 -9.20 11.62 2.40
N LEU A 42 -9.17 12.59 3.32
CA LEU A 42 -8.22 13.70 3.24
C LEU A 42 -6.78 13.30 3.49
N ARG A 43 -6.57 12.12 4.08
CA ARG A 43 -5.22 11.65 4.37
C ARG A 43 -4.70 10.68 3.30
N ARG A 44 -5.54 10.38 2.33
CA ARG A 44 -5.16 9.45 1.25
C ARG A 44 -3.96 9.93 0.45
N GLY A 45 -3.19 8.99 -0.08
CA GLY A 45 -2.03 9.35 -0.88
C GLY A 45 -2.46 10.06 -2.14
N ILE A 46 -1.55 10.80 -2.77
CA ILE A 46 -1.87 11.51 -3.98
C ILE A 46 -1.04 11.06 -5.16
N THR A 47 0.01 10.28 -4.89
CA THR A 47 0.86 9.72 -5.95
C THR A 47 0.20 8.36 -6.16
N ILE A 48 0.34 7.47 -5.19
CA ILE A 48 -0.38 6.21 -5.26
C ILE A 48 -1.52 6.59 -4.30
N LYS A 49 -2.76 6.36 -4.72
CA LYS A 49 -3.94 6.73 -3.93
C LYS A 49 -4.22 5.81 -2.75
N ILE A 50 -3.18 5.44 -2.02
CA ILE A 50 -3.30 4.54 -0.89
C ILE A 50 -3.95 5.16 0.36
N GLY A 51 -4.86 4.40 0.97
CA GLY A 51 -5.53 4.85 2.19
C GLY A 51 -5.37 3.79 3.27
N PHE A 52 -5.32 4.20 4.54
CA PHE A 52 -5.16 3.28 5.66
C PHE A 52 -6.37 3.29 6.60
N ALA A 53 -6.72 2.11 7.10
CA ALA A 53 -7.85 1.97 8.02
C ALA A 53 -7.42 0.97 9.09
N ASP A 54 -7.14 1.49 10.29
CA ASP A 54 -6.70 0.64 11.40
C ASP A 54 -7.83 -0.08 12.12
N ALA A 55 -7.51 -1.23 12.69
CA ALA A 55 -8.45 -2.03 13.47
C ALA A 55 -7.67 -2.72 14.57
N GLU A 56 -8.26 -2.82 15.76
CA GLU A 56 -7.60 -3.49 16.87
C GLU A 56 -8.18 -4.89 17.00
N ILE A 57 -7.35 -5.89 16.72
CA ILE A 57 -7.81 -7.28 16.84
C ILE A 57 -7.80 -7.66 18.31
N ARG A 58 -8.91 -8.20 18.79
CA ARG A 58 -9.02 -8.61 20.18
C ARG A 58 -9.61 -10.00 20.30
N ARG A 59 -9.42 -10.63 21.46
CA ARG A 59 -9.92 -11.97 21.70
C ARG A 59 -10.71 -11.99 23.02
N CYS A 60 -11.91 -12.56 22.97
CA CYS A 60 -12.76 -12.64 24.16
C CYS A 60 -12.28 -13.77 25.06
N PRO A 61 -12.03 -13.46 26.35
CA PRO A 61 -11.57 -14.48 27.31
C PRO A 61 -12.63 -15.54 27.59
N ASN A 62 -13.90 -15.13 27.51
CA ASN A 62 -15.00 -16.04 27.78
C ASN A 62 -15.26 -17.06 26.67
N CYS A 63 -15.78 -16.61 25.53
CA CYS A 63 -16.08 -17.52 24.43
C CYS A 63 -14.88 -17.82 23.53
N GLY A 64 -13.78 -17.10 23.76
CA GLY A 64 -12.57 -17.32 22.98
C GLY A 64 -12.60 -16.86 21.54
N ARG A 65 -13.70 -16.23 21.13
CA ARG A 65 -13.81 -15.77 19.75
C ARG A 65 -13.15 -14.42 19.52
N TYR A 66 -12.60 -14.23 18.31
CA TYR A 66 -11.93 -12.99 17.96
C TYR A 66 -12.87 -11.96 17.35
N SER A 67 -12.56 -10.70 17.58
CA SER A 67 -13.34 -9.60 17.05
C SER A 67 -12.45 -8.36 17.00
N THR A 68 -13.00 -7.23 16.61
CA THR A 68 -12.22 -6.01 16.56
C THR A 68 -12.89 -4.95 17.42
N SER A 69 -13.53 -5.39 18.50
CA SER A 69 -14.22 -4.48 19.40
C SER A 69 -13.90 -4.74 20.86
N PRO A 70 -13.91 -3.67 21.69
CA PRO A 70 -13.62 -3.76 23.11
C PRO A 70 -14.64 -4.67 23.81
N VAL A 71 -15.82 -4.77 23.22
CA VAL A 71 -16.88 -5.61 23.78
C VAL A 71 -17.21 -6.75 22.82
N CYS A 72 -17.12 -7.98 23.31
CA CYS A 72 -17.39 -9.13 22.46
C CYS A 72 -18.79 -9.08 21.86
N PRO A 73 -18.87 -9.15 20.52
CA PRO A 73 -20.15 -9.12 19.81
C PRO A 73 -20.99 -10.37 20.04
N TYR A 74 -20.35 -11.42 20.53
CA TYR A 74 -21.05 -12.68 20.74
C TYR A 74 -21.55 -12.97 22.14
N CYS A 75 -20.82 -12.52 23.16
CA CYS A 75 -21.27 -12.77 24.53
C CYS A 75 -21.33 -11.51 25.38
N GLY A 76 -20.79 -10.41 24.87
CA GLY A 76 -20.81 -9.16 25.62
C GLY A 76 -19.66 -8.90 26.56
N HIS A 77 -18.86 -9.93 26.86
CA HIS A 77 -17.72 -9.77 27.75
C HIS A 77 -16.68 -8.82 27.15
N GLU A 78 -15.81 -8.27 28.00
CA GLU A 78 -14.77 -7.37 27.54
C GLU A 78 -13.64 -8.20 26.94
N THR A 79 -13.22 -7.83 25.75
CA THR A 79 -12.16 -8.56 25.05
C THR A 79 -10.77 -8.05 25.43
N GLU A 80 -9.76 -8.86 25.16
CA GLU A 80 -8.38 -8.51 25.46
C GLU A 80 -7.66 -8.11 24.17
N PHE A 81 -6.83 -7.08 24.27
CA PHE A 81 -6.06 -6.60 23.12
C PHE A 81 -5.09 -7.67 22.64
N VAL A 82 -5.02 -7.83 21.32
CA VAL A 82 -4.12 -8.82 20.73
C VAL A 82 -3.10 -8.12 19.84
N ARG A 83 -3.60 -7.36 18.87
CA ARG A 83 -2.72 -6.67 17.93
C ARG A 83 -3.50 -5.68 17.07
N ARG A 84 -2.86 -4.59 16.68
CA ARG A 84 -3.49 -3.60 15.82
C ARG A 84 -2.97 -3.84 14.42
N VAL A 85 -3.85 -3.75 13.42
CA VAL A 85 -3.44 -3.95 12.03
C VAL A 85 -4.01 -2.80 11.21
N SER A 86 -3.59 -2.68 9.97
CA SER A 86 -4.11 -1.62 9.13
C SER A 86 -4.47 -2.21 7.77
N PHE A 87 -5.65 -1.83 7.27
CA PHE A 87 -6.12 -2.31 5.98
C PHE A 87 -5.89 -1.22 4.95
N ILE A 88 -5.29 -1.61 3.82
CA ILE A 88 -4.96 -0.70 2.74
C ILE A 88 -5.91 -0.80 1.56
N ASP A 89 -6.21 0.35 0.97
CA ASP A 89 -7.08 0.40 -0.20
C ASP A 89 -6.62 1.48 -1.16
N ALA A 90 -7.23 1.49 -2.34
CA ALA A 90 -6.96 2.47 -3.37
C ALA A 90 -8.27 2.57 -4.13
N PRO A 91 -8.60 3.76 -4.65
CA PRO A 91 -9.85 3.95 -5.38
C PRO A 91 -9.83 3.38 -6.79
N GLY A 92 -10.52 2.26 -7.00
CA GLY A 92 -10.57 1.66 -8.32
C GLY A 92 -9.48 0.66 -8.65
N HIS A 93 -9.78 -0.17 -9.63
CA HIS A 93 -8.89 -1.21 -10.10
C HIS A 93 -7.48 -0.78 -10.50
N GLU A 94 -7.38 0.20 -11.38
CA GLU A 94 -6.07 0.66 -11.84
C GLU A 94 -5.19 1.19 -10.73
N ALA A 95 -5.78 1.96 -9.80
CA ALA A 95 -5.03 2.50 -8.68
C ALA A 95 -4.55 1.39 -7.76
N LEU A 96 -5.36 0.35 -7.60
CA LEU A 96 -5.00 -0.77 -6.75
C LEU A 96 -3.84 -1.56 -7.37
N MET A 97 -3.93 -1.82 -8.66
CA MET A 97 -2.87 -2.54 -9.36
C MET A 97 -1.55 -1.76 -9.29
N THR A 98 -1.65 -0.45 -9.48
CA THR A 98 -0.45 0.39 -9.45
C THR A 98 0.17 0.39 -8.06
N THR A 99 -0.67 0.43 -7.03
CA THR A 99 -0.20 0.43 -5.65
C THR A 99 0.59 -0.85 -5.33
N MET A 100 0.08 -1.99 -5.76
CA MET A 100 0.76 -3.26 -5.50
C MET A 100 2.10 -3.36 -6.24
N LEU A 101 2.12 -2.97 -7.52
CA LEU A 101 3.35 -3.06 -8.29
C LEU A 101 4.44 -2.07 -7.88
N ALA A 102 4.04 -0.86 -7.45
CA ALA A 102 5.01 0.13 -7.04
C ALA A 102 5.37 0.08 -5.55
N GLY A 103 4.41 -0.34 -4.72
CA GLY A 103 4.68 -0.36 -3.28
C GLY A 103 4.51 -1.69 -2.56
N ALA A 104 5.08 -2.76 -3.10
CA ALA A 104 4.97 -4.07 -2.46
C ALA A 104 5.49 -4.00 -1.02
N SER A 105 6.46 -3.13 -0.79
CA SER A 105 7.04 -2.98 0.55
C SER A 105 6.04 -2.43 1.56
N LEU A 106 4.92 -1.91 1.06
CA LEU A 106 3.87 -1.35 1.93
C LEU A 106 2.84 -2.38 2.40
N MET A 107 2.88 -3.58 1.84
CA MET A 107 1.93 -4.64 2.21
C MET A 107 2.62 -5.84 2.87
N ASP A 108 1.98 -6.38 3.90
CA ASP A 108 2.49 -7.55 4.61
C ASP A 108 1.61 -8.76 4.35
N GLY A 109 0.45 -8.52 3.74
CA GLY A 109 -0.48 -9.60 3.45
C GLY A 109 -1.64 -9.02 2.68
N ALA A 110 -2.61 -9.86 2.33
CA ALA A 110 -3.75 -9.39 1.59
C ALA A 110 -4.98 -10.27 1.78
N ILE A 111 -6.14 -9.64 1.70
CA ILE A 111 -7.40 -10.36 1.80
C ILE A 111 -8.02 -10.19 0.42
N LEU A 112 -8.17 -11.31 -0.28
CA LEU A 112 -8.74 -11.31 -1.61
C LEU A 112 -10.24 -11.56 -1.45
N VAL A 113 -11.04 -10.55 -1.71
CA VAL A 113 -12.49 -10.66 -1.58
C VAL A 113 -13.07 -11.19 -2.89
N ILE A 114 -13.76 -12.33 -2.81
CA ILE A 114 -14.38 -12.95 -3.99
C ILE A 114 -15.86 -13.16 -3.69
N ALA A 115 -16.72 -12.52 -4.49
CA ALA A 115 -18.17 -12.61 -4.30
C ALA A 115 -18.65 -14.02 -4.67
N ALA A 116 -19.47 -14.60 -3.80
CA ALA A 116 -19.99 -15.95 -4.01
C ALA A 116 -21.09 -16.05 -5.06
N ASN A 117 -21.71 -14.93 -5.42
CA ASN A 117 -22.80 -14.92 -6.38
C ASN A 117 -22.36 -14.58 -7.79
N GLU A 118 -21.08 -14.77 -8.07
CA GLU A 118 -20.51 -14.50 -9.39
C GLU A 118 -19.44 -15.55 -9.70
N PRO A 119 -19.36 -16.01 -10.96
CA PRO A 119 -18.35 -17.01 -11.31
C PRO A 119 -16.94 -16.53 -11.01
N CYS A 120 -16.12 -17.44 -10.49
CA CYS A 120 -14.74 -17.12 -10.14
C CYS A 120 -13.82 -17.77 -11.17
N PRO A 121 -12.80 -17.02 -11.63
CA PRO A 121 -12.48 -15.65 -11.23
C PRO A 121 -12.97 -14.59 -12.22
N ARG A 122 -13.35 -13.43 -11.70
CA ARG A 122 -13.78 -12.33 -12.53
C ARG A 122 -12.49 -11.69 -13.07
N PRO A 123 -12.58 -10.90 -14.14
CA PRO A 123 -11.41 -10.24 -14.74
C PRO A 123 -10.44 -9.56 -13.78
N GLN A 124 -10.95 -8.69 -12.93
CA GLN A 124 -10.08 -7.99 -11.99
C GLN A 124 -9.50 -8.92 -10.94
N THR A 125 -10.25 -9.95 -10.56
CA THR A 125 -9.79 -10.92 -9.57
C THR A 125 -8.54 -11.59 -10.13
N ARG A 126 -8.55 -11.87 -11.42
CA ARG A 126 -7.41 -12.51 -12.06
C ARG A 126 -6.20 -11.58 -12.03
N GLU A 127 -6.41 -10.32 -12.36
CA GLU A 127 -5.29 -9.38 -12.37
C GLU A 127 -4.72 -9.07 -10.99
N HIS A 128 -5.56 -9.07 -9.96
CA HIS A 128 -5.05 -8.80 -8.62
C HIS A 128 -4.15 -9.94 -8.17
N LEU A 129 -4.57 -11.18 -8.43
CA LEU A 129 -3.77 -12.34 -8.04
C LEU A 129 -2.46 -12.30 -8.83
N MET A 130 -2.53 -11.81 -10.07
CA MET A 130 -1.37 -11.70 -10.92
C MET A 130 -0.36 -10.75 -10.29
N ALA A 131 -0.84 -9.64 -9.74
CA ALA A 131 0.03 -8.66 -9.11
C ALA A 131 0.66 -9.24 -7.84
N LEU A 132 -0.13 -9.94 -7.03
CA LEU A 132 0.39 -10.55 -5.81
C LEU A 132 1.46 -11.58 -6.18
N GLN A 133 1.23 -12.27 -7.30
CA GLN A 133 2.18 -13.28 -7.77
C GLN A 133 3.49 -12.60 -8.14
N ILE A 134 3.39 -11.51 -8.91
CA ILE A 134 4.55 -10.76 -9.36
C ILE A 134 5.41 -10.27 -8.20
N ILE A 135 4.77 -9.68 -7.19
CA ILE A 135 5.50 -9.14 -6.05
C ILE A 135 5.83 -10.15 -4.96
N GLY A 136 5.38 -11.40 -5.14
CA GLY A 136 5.68 -12.45 -4.18
C GLY A 136 5.00 -12.35 -2.82
N GLN A 137 3.78 -11.83 -2.80
CA GLN A 137 3.04 -11.70 -1.54
C GLN A 137 2.22 -12.98 -1.36
N LYS A 138 2.62 -13.81 -0.39
CA LYS A 138 1.96 -15.09 -0.14
C LYS A 138 1.08 -15.18 1.11
N ASN A 139 1.08 -14.13 1.93
CA ASN A 139 0.28 -14.12 3.15
C ASN A 139 -1.12 -13.66 2.75
N ILE A 140 -1.86 -14.59 2.16
CA ILE A 140 -3.19 -14.32 1.64
C ILE A 140 -4.35 -15.05 2.32
N ILE A 141 -5.46 -14.33 2.47
CA ILE A 141 -6.67 -14.86 3.03
C ILE A 141 -7.76 -14.56 2.01
N ILE A 142 -8.64 -15.53 1.75
CA ILE A 142 -9.70 -15.31 0.79
C ILE A 142 -11.03 -15.19 1.50
N ALA A 143 -11.73 -14.10 1.25
CA ALA A 143 -13.04 -13.87 1.85
C ALA A 143 -14.11 -14.13 0.79
N GLN A 144 -14.78 -15.26 0.91
CA GLN A 144 -15.86 -15.63 -0.02
C GLN A 144 -17.08 -14.85 0.47
N ASN A 145 -17.25 -13.64 -0.08
CA ASN A 145 -18.31 -12.72 0.34
C ASN A 145 -19.72 -12.90 -0.25
N LYS A 146 -20.70 -12.29 0.42
CA LYS A 146 -22.10 -12.35 0.02
C LYS A 146 -22.60 -13.78 0.01
N ILE A 147 -22.11 -14.58 0.94
CA ILE A 147 -22.48 -15.99 1.03
C ILE A 147 -23.97 -16.21 1.30
N GLU A 148 -24.64 -15.21 1.87
CA GLU A 148 -26.06 -15.34 2.18
C GLU A 148 -26.94 -15.21 0.93
N LEU A 149 -26.36 -14.80 -0.18
CA LEU A 149 -27.12 -14.62 -1.41
C LEU A 149 -27.21 -15.87 -2.29
N VAL A 150 -26.55 -16.94 -1.88
CA VAL A 150 -26.59 -18.17 -2.67
C VAL A 150 -26.93 -19.40 -1.84
N ASP A 151 -27.46 -20.43 -2.49
CA ASP A 151 -27.83 -21.67 -1.82
C ASP A 151 -26.56 -22.50 -1.56
N LYS A 152 -26.73 -23.56 -0.77
CA LYS A 152 -25.62 -24.43 -0.41
C LYS A 152 -24.91 -25.00 -1.64
N GLU A 153 -25.69 -25.38 -2.66
CA GLU A 153 -25.12 -25.94 -3.87
C GLU A 153 -24.23 -24.95 -4.61
N LYS A 154 -24.72 -23.73 -4.79
CA LYS A 154 -23.95 -22.71 -5.49
C LYS A 154 -22.76 -22.24 -4.68
N ALA A 155 -22.88 -22.31 -3.35
CA ALA A 155 -21.79 -21.90 -2.47
C ALA A 155 -20.63 -22.89 -2.58
N LEU A 156 -20.97 -24.17 -2.70
CA LEU A 156 -19.96 -25.20 -2.81
C LEU A 156 -19.29 -25.12 -4.18
N GLU A 157 -20.09 -24.84 -5.21
CA GLU A 157 -19.58 -24.72 -6.57
C GLU A 157 -18.62 -23.53 -6.65
N ASN A 158 -19.03 -22.40 -6.07
CA ASN A 158 -18.19 -21.22 -6.07
C ASN A 158 -16.89 -21.54 -5.36
N TYR A 159 -17.00 -22.28 -4.26
CA TYR A 159 -15.82 -22.68 -3.48
C TYR A 159 -14.86 -23.49 -4.34
N ARG A 160 -15.39 -24.44 -5.11
CA ARG A 160 -14.53 -25.26 -5.95
C ARG A 160 -13.82 -24.41 -7.00
N GLN A 161 -14.52 -23.43 -7.54
CA GLN A 161 -13.94 -22.55 -8.56
C GLN A 161 -12.77 -21.78 -7.97
N ILE A 162 -12.93 -21.31 -6.73
CA ILE A 162 -11.86 -20.58 -6.07
C ILE A 162 -10.65 -21.49 -5.89
N LYS A 163 -10.91 -22.72 -5.44
CA LYS A 163 -9.84 -23.69 -5.24
C LYS A 163 -9.09 -23.93 -6.55
N GLU A 164 -9.85 -24.06 -7.63
CA GLU A 164 -9.26 -24.30 -8.94
C GLU A 164 -8.37 -23.10 -9.31
N PHE A 165 -8.93 -21.91 -9.12
CA PHE A 165 -8.28 -20.64 -9.41
C PHE A 165 -6.93 -20.41 -8.70
N ILE A 166 -6.87 -20.70 -7.41
CA ILE A 166 -5.64 -20.46 -6.65
C ILE A 166 -4.56 -21.53 -6.75
N GLU A 167 -4.90 -22.70 -7.28
CA GLU A 167 -3.92 -23.76 -7.38
C GLU A 167 -2.70 -23.31 -8.19
N GLY A 168 -1.51 -23.55 -7.64
CA GLY A 168 -0.28 -23.19 -8.32
C GLY A 168 0.13 -21.73 -8.21
N THR A 169 -0.64 -20.96 -7.44
CA THR A 169 -0.34 -19.53 -7.27
C THR A 169 0.12 -19.23 -5.85
N VAL A 170 0.46 -17.97 -5.60
CA VAL A 170 0.91 -17.55 -4.28
C VAL A 170 -0.22 -17.66 -3.25
N ALA A 171 -1.44 -17.90 -3.71
CA ALA A 171 -2.58 -18.02 -2.81
C ALA A 171 -3.07 -19.45 -2.64
N GLU A 172 -2.32 -20.41 -3.19
CA GLU A 172 -2.73 -21.82 -3.11
C GLU A 172 -2.99 -22.34 -1.70
N ASN A 173 -2.29 -21.81 -0.71
CA ASN A 173 -2.44 -22.25 0.68
C ASN A 173 -3.37 -21.36 1.48
N ALA A 174 -4.06 -20.44 0.82
CA ALA A 174 -4.94 -19.52 1.51
C ALA A 174 -6.26 -20.13 1.97
N PRO A 175 -6.72 -19.73 3.15
CA PRO A 175 -7.99 -20.24 3.69
C PRO A 175 -9.07 -19.52 2.89
N ILE A 176 -10.20 -20.19 2.68
CA ILE A 176 -11.33 -19.61 1.97
C ILE A 176 -12.40 -19.49 3.04
N ILE A 177 -12.68 -18.26 3.45
CA ILE A 177 -13.66 -18.01 4.50
C ILE A 177 -14.97 -17.41 4.01
N PRO A 178 -16.06 -18.19 4.09
CA PRO A 178 -17.40 -17.73 3.67
C PRO A 178 -17.90 -16.69 4.67
N ILE A 179 -18.30 -15.52 4.19
CA ILE A 179 -18.77 -14.46 5.07
C ILE A 179 -19.81 -13.60 4.40
N SER A 180 -20.40 -12.72 5.21
CA SER A 180 -21.32 -11.70 4.73
C SER A 180 -20.73 -10.45 5.35
N ALA A 181 -20.00 -9.68 4.58
CA ALA A 181 -19.40 -8.47 5.11
C ALA A 181 -20.49 -7.48 5.50
N LEU A 182 -21.56 -7.43 4.71
CA LEU A 182 -22.64 -6.50 4.98
C LEU A 182 -23.37 -6.79 6.31
N HIS A 183 -23.66 -8.06 6.57
CA HIS A 183 -24.36 -8.43 7.79
C HIS A 183 -23.48 -8.84 8.97
N GLY A 184 -22.17 -8.88 8.73
CA GLY A 184 -21.23 -9.25 9.78
C GLY A 184 -21.33 -10.72 10.15
N ALA A 185 -21.51 -11.57 9.15
CA ALA A 185 -21.62 -13.01 9.38
C ALA A 185 -20.30 -13.76 9.17
N ASN A 186 -19.93 -14.51 10.21
CA ASN A 186 -18.70 -15.31 10.22
C ASN A 186 -17.42 -14.49 10.20
N ILE A 187 -17.52 -13.24 10.65
CA ILE A 187 -16.36 -12.34 10.68
C ILE A 187 -15.33 -12.80 11.70
N ASP A 188 -15.79 -13.40 12.80
CA ASP A 188 -14.85 -13.86 13.82
C ASP A 188 -13.86 -14.88 13.25
N VAL A 189 -14.33 -15.74 12.35
CA VAL A 189 -13.46 -16.73 11.73
C VAL A 189 -12.42 -16.03 10.86
N LEU A 190 -12.83 -14.95 10.20
CA LEU A 190 -11.92 -14.18 9.37
C LEU A 190 -10.87 -13.47 10.22
N VAL A 191 -11.29 -12.85 11.32
CA VAL A 191 -10.34 -12.16 12.19
C VAL A 191 -9.30 -13.15 12.71
N LYS A 192 -9.76 -14.36 13.05
CA LYS A 192 -8.87 -15.41 13.54
C LYS A 192 -7.87 -15.76 12.44
N ALA A 193 -8.34 -15.79 11.19
CA ALA A 193 -7.47 -16.12 10.05
C ALA A 193 -6.40 -15.04 9.87
N ILE A 194 -6.73 -13.80 10.15
CA ILE A 194 -5.76 -12.72 10.02
C ILE A 194 -4.62 -12.99 11.01
N GLU A 195 -4.94 -13.48 12.19
CA GLU A 195 -3.91 -13.79 13.17
C GLU A 195 -3.05 -14.97 12.75
N ASP A 196 -3.70 -16.00 12.20
CA ASP A 196 -2.99 -17.21 11.78
C ASP A 196 -2.25 -17.12 10.45
N PHE A 197 -2.80 -16.37 9.48
CA PHE A 197 -2.16 -16.30 8.17
C PHE A 197 -1.42 -15.02 7.82
N ILE A 198 -1.60 -13.97 8.60
CA ILE A 198 -0.88 -12.73 8.35
C ILE A 198 -0.23 -12.29 9.65
N PRO A 199 0.69 -13.11 10.18
CA PRO A 199 1.38 -12.81 11.43
C PRO A 199 2.32 -11.64 11.22
N THR A 200 2.63 -10.93 12.30
CA THR A 200 3.55 -9.81 12.20
C THR A 200 4.90 -10.40 11.83
N PRO A 201 5.52 -9.92 10.75
CA PRO A 201 6.82 -10.45 10.33
C PRO A 201 7.90 -10.18 11.38
N LYS A 202 8.94 -11.00 11.37
CA LYS A 202 10.04 -10.83 12.31
C LYS A 202 10.98 -9.80 11.69
N ARG A 203 10.71 -8.52 11.94
CA ARG A 203 11.53 -7.46 11.38
C ARG A 203 12.72 -7.12 12.25
N ASP A 204 13.83 -6.73 11.62
CA ASP A 204 15.04 -6.34 12.34
C ASP A 204 14.93 -4.83 12.57
N PRO A 205 14.56 -4.43 13.79
CA PRO A 205 14.40 -3.02 14.17
C PRO A 205 15.67 -2.18 14.03
N ASN A 206 16.81 -2.86 13.85
CA ASN A 206 18.08 -2.18 13.72
C ASN A 206 18.58 -1.89 12.30
N LYS A 207 17.85 -2.34 11.29
CA LYS A 207 18.26 -2.06 9.92
C LYS A 207 18.11 -0.55 9.78
N PRO A 208 18.84 0.07 8.83
CA PRO A 208 18.72 1.52 8.65
C PRO A 208 17.26 1.89 8.39
N PRO A 209 16.74 2.89 9.10
CA PRO A 209 15.34 3.26 8.86
C PRO A 209 15.10 3.79 7.45
N LYS A 210 13.90 3.56 6.96
CA LYS A 210 13.52 4.05 5.64
C LYS A 210 12.03 4.25 5.68
N MET A 211 11.60 5.47 5.38
CA MET A 211 10.18 5.79 5.35
C MET A 211 9.83 6.41 4.01
N LEU A 212 8.75 5.93 3.40
CA LEU A 212 8.30 6.48 2.13
C LEU A 212 7.26 7.55 2.47
N VAL A 213 7.53 8.81 2.11
CA VAL A 213 6.60 9.88 2.43
C VAL A 213 5.40 9.87 1.50
N LEU A 214 4.22 9.91 2.10
CA LEU A 214 2.98 9.91 1.32
C LEU A 214 2.43 11.31 1.16
N ARG A 215 2.47 12.09 2.24
CA ARG A 215 1.95 13.45 2.26
C ARG A 215 2.84 14.35 3.13
N SER A 216 2.75 15.65 2.92
CA SER A 216 3.50 16.59 3.74
C SER A 216 2.63 17.81 3.96
N PHE A 217 2.67 18.35 5.18
CA PHE A 217 1.83 19.50 5.49
C PHE A 217 2.51 20.55 6.36
N ASP A 218 1.75 21.63 6.54
CA ASP A 218 2.09 22.75 7.41
C ASP A 218 0.82 22.69 8.27
N VAL A 219 0.93 22.12 9.46
CA VAL A 219 -0.23 21.98 10.34
C VAL A 219 -0.57 23.20 11.19
N ASN A 220 0.14 24.30 10.98
CA ASN A 220 -0.12 25.52 11.75
C ASN A 220 -1.39 26.21 11.23
N LYS A 221 -2.31 26.51 12.15
CA LYS A 221 -3.57 27.16 11.82
C LYS A 221 -3.44 28.27 10.78
N PRO A 222 -4.54 28.56 10.07
CA PRO A 222 -4.62 29.59 9.02
C PRO A 222 -3.78 30.84 9.31
N GLY A 223 -4.41 31.83 9.94
CA GLY A 223 -3.69 33.06 10.25
C GLY A 223 -3.21 33.77 9.01
N LYS A 228 2.77 28.06 19.43
CA LYS A 228 4.08 28.13 18.79
C LYS A 228 4.03 27.58 17.36
N LEU A 229 4.83 28.17 16.48
CA LEU A 229 4.89 27.72 15.08
C LEU A 229 5.67 26.42 15.00
N VAL A 230 4.95 25.33 14.75
CA VAL A 230 5.57 24.00 14.66
C VAL A 230 6.13 23.69 13.27
N GLY A 231 7.19 22.88 13.25
CA GLY A 231 7.83 22.53 11.99
C GLY A 231 6.96 21.69 11.07
N GLY A 232 7.42 21.53 9.83
CA GLY A 232 6.69 20.75 8.85
C GLY A 232 6.47 19.32 9.28
N VAL A 233 5.37 18.73 8.81
CA VAL A 233 5.02 17.36 9.14
C VAL A 233 5.05 16.46 7.91
N LEU A 234 5.58 15.25 8.08
CA LEU A 234 5.65 14.28 6.99
C LEU A 234 4.83 13.05 7.37
N ASP A 235 3.88 12.66 6.53
CA ASP A 235 3.08 11.48 6.80
C ASP A 235 3.54 10.40 5.82
N GLY A 236 3.77 9.18 6.31
CA GLY A 236 4.22 8.13 5.43
C GLY A 236 4.28 6.75 6.04
N SER A 237 4.93 5.83 5.33
CA SER A 237 5.06 4.44 5.76
C SER A 237 6.51 4.06 6.04
N ILE A 238 6.77 3.54 7.23
CA ILE A 238 8.12 3.10 7.56
C ILE A 238 8.21 1.68 6.99
N VAL A 239 9.16 1.42 6.10
CA VAL A 239 9.25 0.08 5.51
C VAL A 239 10.44 -0.72 5.99
N GLN A 240 11.29 -0.09 6.80
CA GLN A 240 12.47 -0.76 7.33
C GLN A 240 12.94 0.00 8.55
N GLY A 241 13.47 -0.72 9.53
CA GLY A 241 13.97 -0.07 10.73
C GLY A 241 12.91 0.61 11.59
N LYS A 242 13.29 1.71 12.20
CA LYS A 242 12.38 2.45 13.06
C LYS A 242 12.79 3.91 13.16
N LEU A 243 11.85 4.74 13.59
CA LEU A 243 12.10 6.16 13.77
C LEU A 243 11.87 6.50 15.24
N LYS A 244 12.69 7.40 15.76
CA LYS A 244 12.59 7.78 17.16
C LYS A 244 12.67 9.29 17.34
N VAL A 245 11.88 9.82 18.25
CA VAL A 245 11.88 11.25 18.52
C VAL A 245 13.33 11.64 18.84
N GLY A 246 13.80 12.72 18.23
CA GLY A 246 15.17 13.17 18.47
C GLY A 246 16.11 12.72 17.37
N ASP A 247 15.67 11.75 16.56
CA ASP A 247 16.49 11.24 15.46
C ASP A 247 16.79 12.32 14.43
N GLU A 248 18.02 12.31 13.93
CA GLU A 248 18.40 13.24 12.87
C GLU A 248 18.05 12.47 11.61
N ILE A 249 17.35 13.11 10.68
CA ILE A 249 16.97 12.43 9.43
C ILE A 249 17.30 13.24 8.18
N GLU A 250 17.53 12.53 7.08
CA GLU A 250 17.82 13.15 5.80
C GLU A 250 16.67 12.80 4.85
N ILE A 251 16.28 13.75 4.02
CA ILE A 251 15.17 13.55 3.09
C ILE A 251 15.63 13.74 1.65
N ARG A 252 15.42 12.73 0.82
CA ARG A 252 15.80 12.76 -0.59
C ARG A 252 14.58 12.51 -1.47
N PRO A 253 14.56 13.07 -2.70
CA PRO A 253 15.57 13.93 -3.32
C PRO A 253 15.81 15.28 -2.63
N GLY A 254 14.82 15.75 -1.90
CA GLY A 254 14.98 17.01 -1.21
C GLY A 254 14.28 18.23 -1.78
N VAL A 255 14.83 19.39 -1.48
CA VAL A 255 14.27 20.67 -1.89
C VAL A 255 14.72 21.14 -3.26
N PRO A 256 13.76 21.47 -4.13
CA PRO A 256 14.09 21.94 -5.47
C PRO A 256 14.62 23.37 -5.47
N TYR A 257 15.53 23.66 -6.38
CA TYR A 257 16.09 25.00 -6.50
C TYR A 257 16.49 25.15 -7.95
N GLU A 258 16.75 26.37 -8.37
CA GLU A 258 17.13 26.62 -9.75
C GLU A 258 18.61 26.95 -9.89
N GLU A 259 19.24 26.37 -10.90
CA GLU A 259 20.65 26.61 -11.18
C GLU A 259 20.81 26.64 -12.69
N HIS A 260 21.23 27.79 -13.21
CA HIS A 260 21.42 27.97 -14.64
C HIS A 260 20.13 27.63 -15.39
N GLY A 261 19.01 28.08 -14.84
CA GLY A 261 17.71 27.87 -15.46
C GLY A 261 17.14 26.47 -15.39
N ARG A 262 17.82 25.57 -14.68
CA ARG A 262 17.34 24.20 -14.55
C ARG A 262 17.00 23.87 -13.10
N ILE A 263 16.18 22.86 -12.90
CA ILE A 263 15.79 22.45 -11.56
C ILE A 263 16.73 21.39 -10.99
N LYS A 264 17.22 21.63 -9.78
CA LYS A 264 18.09 20.68 -9.10
C LYS A 264 17.46 20.43 -7.73
N TYR A 265 17.85 19.33 -7.09
CA TYR A 265 17.31 19.00 -5.77
C TYR A 265 18.41 18.82 -4.74
N GLU A 266 18.21 19.40 -3.57
CA GLU A 266 19.19 19.34 -2.50
C GLU A 266 18.65 18.55 -1.33
N PRO A 267 19.26 17.39 -1.00
CA PRO A 267 18.75 16.62 0.13
C PRO A 267 18.78 17.52 1.36
N ILE A 268 17.81 17.36 2.25
CA ILE A 268 17.76 18.20 3.44
C ILE A 268 17.75 17.37 4.71
N THR A 269 18.42 17.88 5.74
CA THR A 269 18.48 17.20 7.03
C THR A 269 17.67 17.97 8.05
N THR A 270 17.05 17.24 8.98
CA THR A 270 16.26 17.85 10.03
C THR A 270 16.20 16.90 11.21
N GLU A 271 15.38 17.22 12.21
CA GLU A 271 15.25 16.39 13.39
C GLU A 271 13.78 16.08 13.67
N ILE A 272 13.53 14.88 14.17
CA ILE A 272 12.18 14.45 14.50
C ILE A 272 11.81 15.04 15.85
N VAL A 273 10.71 15.78 15.89
CA VAL A 273 10.23 16.40 17.12
C VAL A 273 9.08 15.60 17.70
N SER A 274 8.26 15.01 16.82
CA SER A 274 7.12 14.22 17.26
C SER A 274 6.82 13.08 16.30
N LEU A 275 6.11 12.08 16.82
CA LEU A 275 5.71 10.91 16.03
C LEU A 275 4.30 10.50 16.42
N GLN A 276 3.43 10.38 15.42
CA GLN A 276 2.06 9.97 15.64
C GLN A 276 1.85 8.65 14.94
N ALA A 277 1.28 7.67 15.66
CA ALA A 277 1.02 6.36 15.09
C ALA A 277 -0.08 5.67 15.88
N GLY A 278 -1.04 5.09 15.19
CA GLY A 278 -2.12 4.39 15.88
C GLY A 278 -3.04 5.33 16.65
N GLY A 279 -3.12 6.58 16.21
CA GLY A 279 -3.98 7.55 16.86
C GLY A 279 -3.41 8.25 18.08
N GLN A 280 -2.11 8.07 18.33
CA GLN A 280 -1.46 8.69 19.48
C GLN A 280 -0.03 9.12 19.21
N PHE A 281 0.48 10.01 20.06
CA PHE A 281 1.85 10.46 19.95
C PHE A 281 2.70 9.40 20.64
N VAL A 282 3.79 9.02 19.99
CA VAL A 282 4.68 7.99 20.51
C VAL A 282 6.12 8.47 20.48
N GLU A 283 7.01 7.75 21.16
CA GLU A 283 8.41 8.12 21.18
C GLU A 283 9.18 7.34 20.12
N GLU A 284 8.58 6.28 19.62
CA GLU A 284 9.20 5.44 18.59
C GLU A 284 8.13 4.84 17.68
N ALA A 285 8.37 4.86 16.37
CA ALA A 285 7.41 4.31 15.40
C ALA A 285 8.04 3.23 14.54
N TYR A 286 7.22 2.32 14.02
CA TYR A 286 7.73 1.20 13.22
C TYR A 286 6.87 0.93 11.98
N PRO A 287 7.23 -0.11 11.20
CA PRO A 287 6.44 -0.46 10.02
C PRO A 287 5.01 -0.80 10.44
N GLY A 288 4.05 -0.48 9.59
CA GLY A 288 2.66 -0.76 9.90
C GLY A 288 1.86 0.51 10.13
N GLY A 289 0.86 0.71 9.28
CA GLY A 289 0.03 1.88 9.39
C GLY A 289 0.73 3.17 9.01
N LEU A 290 -0.03 4.26 9.06
CA LEU A 290 0.48 5.58 8.72
C LEU A 290 1.19 6.20 9.91
N VAL A 291 2.33 6.85 9.66
CA VAL A 291 3.08 7.51 10.72
C VAL A 291 3.25 9.00 10.38
N GLY A 292 2.92 9.85 11.34
CA GLY A 292 3.05 11.28 11.16
C GLY A 292 4.34 11.72 11.82
N VAL A 293 5.23 12.32 11.05
CA VAL A 293 6.52 12.76 11.57
C VAL A 293 6.63 14.27 11.69
N GLY A 294 6.73 14.75 12.92
CA GLY A 294 6.89 16.17 13.15
C GLY A 294 8.37 16.46 13.08
N THR A 295 8.76 17.48 12.31
CA THR A 295 10.17 17.81 12.16
C THR A 295 10.41 19.27 12.57
N LYS A 296 11.64 19.73 12.36
CA LYS A 296 12.01 21.10 12.67
C LYS A 296 12.05 21.91 11.38
N LEU A 297 11.64 21.27 10.28
CA LEU A 297 11.64 21.93 8.98
C LEU A 297 10.69 23.12 8.93
N ASP A 298 11.11 24.13 8.17
CA ASP A 298 10.29 25.32 7.97
C ASP A 298 9.03 24.81 7.24
N PRO A 299 7.85 25.00 7.84
CA PRO A 299 6.56 24.56 7.27
C PRO A 299 6.40 24.96 5.80
N TYR A 300 7.11 25.99 5.40
CA TYR A 300 7.05 26.49 4.03
C TYR A 300 7.60 25.46 3.04
N LEU A 301 8.45 24.57 3.54
CA LEU A 301 9.06 23.53 2.72
C LEU A 301 8.24 22.25 2.63
N THR A 302 7.26 22.08 3.52
CA THR A 302 6.44 20.88 3.53
C THR A 302 5.00 21.14 3.12
N LYS A 303 4.58 22.40 3.19
CA LYS A 303 3.23 22.80 2.84
C LYS A 303 2.80 22.32 1.46
N GLY A 304 1.55 21.87 1.35
CA GLY A 304 1.03 21.43 0.07
C GLY A 304 1.69 20.21 -0.56
N ASP A 305 2.07 19.24 0.27
CA ASP A 305 2.69 17.99 -0.21
C ASP A 305 3.95 18.12 -1.04
N LEU A 306 4.72 19.18 -0.78
CA LEU A 306 5.96 19.40 -1.52
C LEU A 306 6.93 18.22 -1.35
N MET A 307 6.81 17.49 -0.25
CA MET A 307 7.70 16.35 -0.04
C MET A 307 7.07 14.98 -0.25
N ALA A 308 5.86 14.95 -0.78
CA ALA A 308 5.21 13.68 -1.04
C ALA A 308 6.11 12.96 -2.04
N GLY A 309 6.30 11.66 -1.84
CA GLY A 309 7.14 10.91 -2.76
C GLY A 309 8.60 10.82 -2.33
N ASN A 310 9.01 11.67 -1.39
CA ASN A 310 10.39 11.62 -0.93
C ASN A 310 10.63 10.42 -0.01
N VAL A 311 11.90 10.15 0.28
CA VAL A 311 12.28 9.04 1.15
C VAL A 311 13.02 9.61 2.35
N VAL A 312 12.72 9.06 3.53
CA VAL A 312 13.34 9.50 4.78
C VAL A 312 14.24 8.41 5.36
N GLY A 313 15.42 8.81 5.82
CA GLY A 313 16.33 7.85 6.41
C GLY A 313 17.34 8.57 7.29
N LYS A 314 18.29 7.83 7.88
CA LYS A 314 19.29 8.46 8.71
C LYS A 314 20.41 8.94 7.79
N PRO A 315 20.99 10.10 8.08
CA PRO A 315 22.07 10.68 7.27
C PRO A 315 23.11 9.65 6.84
N GLY A 316 23.37 9.59 5.55
CA GLY A 316 24.36 8.65 5.03
C GLY A 316 23.86 7.23 4.87
N LYS A 317 22.58 7.01 5.13
CA LYS A 317 22.03 5.67 5.00
C LYS A 317 20.72 5.65 4.23
N LEU A 318 20.70 6.34 3.10
CA LEU A 318 19.52 6.39 2.25
C LEU A 318 19.86 5.85 0.87
N PRO A 319 18.84 5.42 0.11
CA PRO A 319 19.14 4.90 -1.23
C PRO A 319 19.57 6.06 -2.14
N PRO A 320 20.23 5.74 -3.25
CA PRO A 320 20.71 6.75 -4.21
C PRO A 320 19.56 7.51 -4.89
N VAL A 321 19.89 8.64 -5.50
CA VAL A 321 18.92 9.45 -6.22
C VAL A 321 19.25 9.28 -7.71
N TRP A 322 18.23 9.06 -8.51
CA TRP A 322 18.42 8.85 -9.95
C TRP A 322 17.79 9.93 -10.80
N ASP A 323 18.51 10.39 -11.82
CA ASP A 323 18.01 11.39 -12.75
C ASP A 323 17.47 10.64 -13.98
N SER A 324 17.94 9.41 -14.14
CA SER A 324 17.50 8.56 -15.25
C SER A 324 17.57 7.11 -14.77
N LEU A 325 16.75 6.24 -15.35
CA LEU A 325 16.74 4.84 -14.94
C LEU A 325 16.93 3.86 -16.09
N ARG A 326 17.63 2.77 -15.80
CA ARG A 326 17.83 1.69 -16.75
C ARG A 326 16.90 0.63 -16.16
N LEU A 327 15.90 0.23 -16.92
CA LEU A 327 14.93 -0.73 -16.40
C LEU A 327 14.80 -2.05 -17.16
N GLU A 328 14.81 -3.15 -16.40
CA GLU A 328 14.59 -4.48 -16.95
C GLU A 328 13.08 -4.47 -17.03
N VAL A 329 12.53 -4.48 -18.25
CA VAL A 329 11.10 -4.39 -18.45
C VAL A 329 10.32 -5.70 -18.57
N HIS A 330 9.21 -5.76 -17.86
CA HIS A 330 8.32 -6.91 -17.87
C HIS A 330 6.92 -6.42 -18.21
N LEU A 331 6.47 -6.67 -19.44
CA LEU A 331 5.14 -6.23 -19.88
C LEU A 331 4.04 -7.15 -19.34
N LEU A 332 2.92 -6.55 -18.96
CA LEU A 332 1.79 -7.29 -18.41
C LEU A 332 0.96 -8.08 -19.41
N GLU A 333 0.46 -9.23 -18.95
CA GLU A 333 -0.40 -10.10 -19.74
C GLU A 333 -1.80 -9.85 -19.19
N ARG A 334 -2.31 -8.65 -19.44
CA ARG A 334 -3.62 -8.23 -18.93
C ARG A 334 -4.85 -8.76 -19.65
N VAL A 335 -5.95 -8.87 -18.89
CA VAL A 335 -7.21 -9.35 -19.41
C VAL A 335 -8.34 -8.35 -19.13
N VAL A 336 -7.98 -7.25 -18.45
CA VAL A 336 -8.96 -6.21 -18.11
C VAL A 336 -8.81 -4.98 -18.99
N GLU A 339 -11.51 -2.45 -21.86
CA GLU A 339 -12.26 -2.52 -23.11
C GLU A 339 -11.28 -2.80 -24.25
N GLN A 340 -11.10 -4.09 -24.55
CA GLN A 340 -10.16 -4.51 -25.58
C GLN A 340 -8.81 -3.91 -25.19
N GLU A 341 -8.16 -3.25 -26.15
CA GLU A 341 -6.85 -2.63 -25.90
C GLU A 341 -5.96 -3.48 -24.99
N LEU A 342 -6.15 -4.79 -25.03
CA LEU A 342 -5.36 -5.70 -24.21
C LEU A 342 -3.91 -5.76 -24.69
N LYS A 343 -3.73 -6.19 -25.93
CA LYS A 343 -2.40 -6.31 -26.51
C LYS A 343 -1.55 -5.07 -26.26
N VAL A 344 -0.54 -5.23 -25.40
CA VAL A 344 0.35 -4.12 -25.07
C VAL A 344 1.40 -3.95 -26.17
N GLU A 345 1.38 -2.79 -26.83
CA GLU A 345 2.32 -2.50 -27.89
C GLU A 345 3.71 -2.25 -27.31
N PRO A 346 4.76 -2.71 -28.00
CA PRO A 346 6.14 -2.53 -27.54
C PRO A 346 6.48 -1.07 -27.24
N ILE A 347 7.32 -0.85 -26.22
CA ILE A 347 7.73 0.49 -25.84
C ILE A 347 8.69 1.03 -26.88
N LYS A 348 8.44 2.26 -27.33
CA LYS A 348 9.28 2.88 -28.35
C LYS A 348 10.05 4.07 -27.82
N ARG A 349 11.22 4.32 -28.42
CA ARG A 349 12.05 5.45 -28.05
C ARG A 349 11.22 6.70 -28.26
N LYS A 350 11.40 7.70 -27.40
CA LYS A 350 10.68 8.98 -27.46
C LYS A 350 9.32 8.96 -26.76
N GLU A 351 8.85 7.78 -26.38
CA GLU A 351 7.57 7.69 -25.69
C GLU A 351 7.70 8.27 -24.29
N VAL A 352 6.63 8.90 -23.80
CA VAL A 352 6.64 9.47 -22.45
C VAL A 352 5.74 8.60 -21.57
N LEU A 353 6.35 7.90 -20.62
CA LEU A 353 5.61 7.03 -19.72
C LEU A 353 5.49 7.61 -18.32
N LEU A 354 4.57 7.06 -17.53
CA LEU A 354 4.36 7.49 -16.16
C LEU A 354 4.92 6.39 -15.28
N LEU A 355 5.82 6.75 -14.38
CA LEU A 355 6.45 5.77 -13.51
C LEU A 355 6.09 5.97 -12.04
N ASN A 356 5.85 4.87 -11.35
CA ASN A 356 5.54 4.89 -9.92
C ASN A 356 6.52 3.95 -9.22
N VAL A 357 7.29 4.48 -8.27
CA VAL A 357 8.24 3.65 -7.53
C VAL A 357 8.10 4.06 -6.07
N GLY A 358 7.67 3.12 -5.22
CA GLY A 358 7.44 3.44 -3.82
C GLY A 358 6.29 4.43 -3.81
N THR A 359 6.47 5.58 -3.17
CA THR A 359 5.42 6.59 -3.15
C THR A 359 5.75 7.71 -4.14
N ALA A 360 6.81 7.53 -4.91
CA ALA A 360 7.24 8.53 -5.89
C ALA A 360 6.55 8.34 -7.23
N ARG A 361 6.29 9.45 -7.92
CA ARG A 361 5.63 9.42 -9.22
C ARG A 361 6.27 10.46 -10.14
N THR A 362 6.63 10.01 -11.34
CA THR A 362 7.24 10.91 -12.31
C THR A 362 7.08 10.43 -13.73
N MET A 363 6.97 11.38 -14.66
CA MET A 363 6.87 11.03 -16.07
C MET A 363 8.29 10.65 -16.48
N GLY A 364 8.43 9.87 -17.54
CA GLY A 364 9.74 9.47 -17.97
C GLY A 364 9.80 9.41 -19.48
N LEU A 365 10.90 9.91 -20.04
CA LEU A 365 11.10 9.91 -21.47
C LEU A 365 12.02 8.76 -21.86
N VAL A 366 11.52 7.88 -22.71
CA VAL A 366 12.32 6.74 -23.16
C VAL A 366 13.41 7.27 -24.10
N THR A 367 14.66 7.12 -23.69
CA THR A 367 15.80 7.61 -24.47
C THR A 367 16.58 6.50 -25.17
N GLY A 368 16.27 5.25 -24.85
CA GLY A 368 16.98 4.15 -25.46
C GLY A 368 16.33 2.81 -25.21
N LEU A 369 16.49 1.90 -26.17
CA LEU A 369 15.92 0.57 -26.06
C LEU A 369 17.01 -0.48 -26.01
N GLY A 370 16.73 -1.57 -25.29
CA GLY A 370 17.67 -2.67 -25.16
C GLY A 370 16.88 -3.96 -25.10
N LYS A 371 17.58 -5.08 -24.94
CA LYS A 371 16.89 -6.37 -24.87
C LYS A 371 16.10 -6.42 -23.57
N ASP A 372 14.77 -6.35 -23.68
CA ASP A 372 13.89 -6.37 -22.50
C ASP A 372 14.31 -5.29 -21.53
N GLU A 373 14.75 -4.16 -22.07
CA GLU A 373 15.20 -3.06 -21.23
C GLU A 373 14.99 -1.72 -21.92
N ILE A 374 14.82 -0.68 -21.11
CA ILE A 374 14.65 0.67 -21.63
C ILE A 374 15.44 1.61 -20.73
N GLU A 375 15.81 2.76 -21.30
CA GLU A 375 16.53 3.80 -20.58
C GLU A 375 15.55 4.95 -20.55
N VAL A 376 15.29 5.50 -19.37
CA VAL A 376 14.34 6.61 -19.29
C VAL A 376 14.88 7.79 -18.51
N LYS A 377 14.71 8.98 -19.07
CA LYS A 377 15.13 10.22 -18.42
C LYS A 377 13.93 10.66 -17.58
N LEU A 378 14.15 10.91 -16.29
CA LEU A 378 13.04 11.30 -15.43
C LEU A 378 12.77 12.81 -15.39
N GLN A 379 11.50 13.18 -15.30
CA GLN A 379 11.17 14.60 -15.21
C GLN A 379 11.56 15.04 -13.80
N ILE A 380 11.33 14.15 -12.84
CA ILE A 380 11.65 14.41 -11.43
C ILE A 380 12.51 13.24 -10.93
N PRO A 381 13.68 13.54 -10.34
CA PRO A 381 14.54 12.47 -9.83
C PRO A 381 13.81 11.67 -8.76
N VAL A 382 14.22 10.40 -8.58
CA VAL A 382 13.62 9.56 -7.56
C VAL A 382 14.69 8.91 -6.69
N CYS A 383 14.32 8.64 -5.43
CA CYS A 383 15.21 7.99 -4.48
C CYS A 383 14.77 6.54 -4.45
N ALA A 384 15.65 5.64 -4.87
CA ALA A 384 15.32 4.21 -4.90
C ALA A 384 16.59 3.37 -4.97
N GLU A 385 16.45 2.09 -4.67
CA GLU A 385 17.57 1.16 -4.69
C GLU A 385 17.60 0.32 -5.96
N PRO A 386 18.80 -0.10 -6.39
CA PRO A 386 18.85 -0.93 -7.58
C PRO A 386 18.05 -2.16 -7.17
N GLY A 387 17.24 -2.70 -8.08
CA GLY A 387 16.45 -3.88 -7.76
C GLY A 387 15.01 -3.53 -7.41
N ASP A 388 14.75 -2.26 -7.10
CA ASP A 388 13.39 -1.83 -6.76
C ASP A 388 12.49 -1.93 -7.99
N ARG A 389 11.21 -2.22 -7.73
CA ARG A 389 10.21 -2.38 -8.78
C ARG A 389 9.52 -1.04 -9.09
N VAL A 390 9.36 -0.77 -10.38
CA VAL A 390 8.76 0.46 -10.87
C VAL A 390 7.54 0.17 -11.75
N ALA A 391 6.38 0.72 -11.39
CA ALA A 391 5.17 0.50 -12.19
C ALA A 391 5.27 1.39 -13.44
N ILE A 392 4.96 0.82 -14.60
CA ILE A 392 5.03 1.56 -15.87
C ILE A 392 3.66 1.71 -16.50
N SER A 393 3.26 2.96 -16.73
CA SER A 393 1.97 3.25 -17.34
C SER A 393 2.10 4.04 -18.64
N ARG A 394 1.18 3.77 -19.56
CA ARG A 394 1.15 4.42 -20.87
C ARG A 394 -0.17 5.17 -21.01
N GLN A 395 -0.15 6.36 -21.60
CA GLN A 395 -1.40 7.09 -21.74
C GLN A 395 -2.11 6.61 -22.99
N ILE A 396 -3.21 5.88 -22.77
CA ILE A 396 -4.01 5.36 -23.85
C ILE A 396 -5.24 6.23 -23.99
N GLY A 397 -5.24 7.07 -25.02
CA GLY A 397 -6.36 7.94 -25.26
C GLY A 397 -6.37 9.13 -24.31
N SER A 398 -7.20 9.06 -23.28
CA SER A 398 -7.31 10.15 -22.32
C SER A 398 -7.06 9.74 -20.86
N ARG A 399 -6.35 8.65 -20.65
CA ARG A 399 -6.06 8.19 -19.29
C ARG A 399 -4.82 7.32 -19.24
N TRP A 400 -4.28 7.10 -18.04
CA TRP A 400 -3.09 6.29 -17.88
C TRP A 400 -3.45 4.83 -17.58
N ARG A 401 -2.84 3.92 -18.35
CA ARG A 401 -3.08 2.50 -18.17
C ARG A 401 -1.76 1.80 -17.88
N LEU A 402 -1.78 0.94 -16.88
CA LEU A 402 -0.61 0.18 -16.49
C LEU A 402 -0.31 -0.83 -17.60
N ILE A 403 0.93 -0.87 -18.08
CA ILE A 403 1.27 -1.81 -19.13
C ILE A 403 2.32 -2.80 -18.67
N GLY A 404 2.90 -2.55 -17.50
CA GLY A 404 3.90 -3.45 -16.98
C GLY A 404 4.70 -2.86 -15.83
N TYR A 405 5.86 -3.46 -15.55
CA TYR A 405 6.71 -2.97 -14.47
C TYR A 405 8.17 -3.13 -14.88
N GLY A 406 9.05 -2.39 -14.20
CA GLY A 406 10.46 -2.47 -14.50
C GLY A 406 11.29 -2.62 -13.25
N ILE A 407 12.45 -3.25 -13.36
CA ILE A 407 13.33 -3.43 -12.23
C ILE A 407 14.55 -2.53 -12.45
N ILE A 408 14.87 -1.70 -11.47
CA ILE A 408 16.00 -0.79 -11.60
C ILE A 408 17.33 -1.53 -11.66
N LYS A 409 18.09 -1.27 -12.73
CA LYS A 409 19.40 -1.89 -12.94
C LYS A 409 20.51 -0.88 -12.65
N GLU A 410 21.69 -1.39 -12.31
CA GLU A 410 22.83 -0.54 -12.04
C GLU A 410 23.38 0.00 -13.37
#